data_6GL5
#
_entry.id   6GL5
#
_cell.length_a   53.920
_cell.length_b   67.570
_cell.length_c   87.750
_cell.angle_alpha   90.000
_cell.angle_beta   90.000
_cell.angle_gamma   90.000
#
_symmetry.space_group_name_H-M   'P 21 21 21'
#
loop_
_entity.id
_entity.type
_entity.pdbx_description
1 polymer 'Fucose-binding lectin protein'
2 non-polymer '25,26,27,28-tetrahydroxypentacyclo[19.3.1.1~3,7~.1~9,13~.1~15,19~]octacosa-1(25),3(28),4,6,9(27),10,12,15(26),16,18,21,23-dodecaene-5,11,17,23-tetrasulfonic acid'
3 non-polymer GLYCEROL
4 non-polymer 'TETRAETHYLENE GLYCOL'
5 non-polymer DI(HYDROXYETHYL)ETHER
6 non-polymer 1,2-ETHANEDIOL
7 non-polymer 'SULFATE ION'
8 water water
#
_entity_poly.entity_id   1
_entity_poly.type   'polypeptide(L)'
_entity_poly.pdbx_seq_one_letter_code
;(SNM)SVQTAATSWGTVPSIRVYTANNG(MLY)ITERCWDG(MLY)GWYTGAFNEPGDNVSVTSWLVGSAIHIRVYASTG
TTTTEWCWDGNGWT(MLY)GAYTATN
;
_entity_poly.pdbx_strand_id   A,B,C
#
# COMPACT_ATOMS: atom_id res chain seq x y z
N SER A 2 11.23 13.85 -2.18
CA SER A 2 9.84 14.08 -2.59
CA SER A 2 9.83 14.07 -2.59
C SER A 2 8.92 13.69 -1.43
N VAL A 3 7.71 14.20 -1.45
CA VAL A 3 6.72 13.72 -0.52
C VAL A 3 6.45 12.23 -0.82
N GLN A 4 5.93 11.56 0.20
CA GLN A 4 5.69 10.12 0.16
C GLN A 4 4.23 9.89 0.53
N THR A 5 3.51 9.09 -0.24
CA THR A 5 2.09 8.91 0.03
C THR A 5 1.75 7.44 0.30
N ALA A 6 0.58 7.29 0.90
CA ALA A 6 -0.06 6.00 1.12
C ALA A 6 -1.57 6.19 0.89
N ALA A 7 -2.23 5.19 0.32
CA ALA A 7 -3.62 5.34 -0.07
C ALA A 7 -4.42 4.10 0.31
N THR A 8 -5.67 4.34 0.65
CA THR A 8 -6.63 3.26 0.89
C THR A 8 -8.00 3.69 0.35
N SER A 9 -8.85 2.70 0.10
CA SER A 9 -10.20 2.99 -0.40
C SER A 9 -11.18 1.92 0.07
N TRP A 10 -12.45 2.27 0.13
CA TRP A 10 -13.47 1.30 0.51
C TRP A 10 -14.81 1.61 -0.15
N GLY A 11 -15.61 0.55 -0.27
CA GLY A 11 -16.93 0.66 -0.89
C GLY A 11 -16.83 0.81 -2.39
N THR A 12 -17.94 1.21 -3.01
CA THR A 12 -18.02 1.29 -4.47
C THR A 12 -18.16 2.74 -4.94
N VAL A 13 -18.28 3.71 -4.03
CA VAL A 13 -18.38 5.11 -4.45
C VAL A 13 -17.12 5.51 -5.20
N PRO A 14 -15.92 5.29 -4.67
CA PRO A 14 -15.59 4.81 -3.34
C PRO A 14 -15.28 5.98 -2.39
N SER A 15 -14.98 5.65 -1.13
CA SER A 15 -14.23 6.58 -0.29
C SER A 15 -12.75 6.29 -0.50
N ILE A 16 -11.95 7.35 -0.57
CA ILE A 16 -10.48 7.26 -0.69
C ILE A 16 -9.87 8.14 0.40
N ARG A 17 -8.79 7.64 0.99
CA ARG A 17 -7.96 8.44 1.88
C ARG A 17 -6.52 8.37 1.38
N VAL A 18 -5.89 9.53 1.26
CA VAL A 18 -4.50 9.62 0.82
C VAL A 18 -3.74 10.35 1.93
N TYR A 19 -2.71 9.69 2.44
CA TYR A 19 -1.85 10.22 3.51
C TYR A 19 -0.54 10.65 2.85
N THR A 20 -0.08 11.85 3.19
CA THR A 20 1.16 12.38 2.64
C THR A 20 2.14 12.70 3.78
N ALA A 21 3.32 12.09 3.71
CA ALA A 21 4.45 12.47 4.59
C ALA A 21 5.29 13.50 3.84
N ASN A 22 5.43 14.70 4.42
CA ASN A 22 6.12 15.80 3.81
C ASN A 22 7.07 16.35 4.86
N ASN A 23 8.34 16.04 4.71
CA ASN A 23 9.39 16.54 5.62
C ASN A 23 8.99 16.33 7.08
N GLY A 24 8.51 15.13 7.38
CA GLY A 24 8.25 14.74 8.76
C GLY A 24 6.85 15.07 9.26
N ILE A 26 2.66 14.32 8.54
CA ILE A 26 1.67 13.53 7.76
C ILE A 26 0.32 14.24 7.83
N THR A 27 -0.29 14.43 6.66
CA THR A 27 -1.62 15.00 6.51
C THR A 27 -2.45 14.05 5.64
N GLU A 28 -3.74 14.34 5.58
CA GLU A 28 -4.74 13.43 5.03
C GLU A 28 -5.66 14.20 4.09
N ARG A 29 -5.84 13.66 2.88
CA ARG A 29 -6.84 14.18 1.93
C ARG A 29 -7.88 13.08 1.68
N CYS A 30 -9.13 13.48 1.58
CA CYS A 30 -10.27 12.57 1.61
C CYS A 30 -11.18 12.82 0.40
N TRP A 31 -11.68 11.73 -0.15
CA TRP A 31 -12.70 11.73 -1.21
C TRP A 31 -13.84 10.81 -0.79
N ASP A 32 -15.07 11.34 -0.78
CA ASP A 32 -16.26 10.53 -0.52
C ASP A 32 -17.26 10.71 -1.68
N GLY A 33 -16.76 11.04 -2.87
CA GLY A 33 -17.57 11.02 -4.08
C GLY A 33 -17.90 12.39 -4.65
N GLY A 35 -15.71 15.54 -4.11
CA GLY A 35 -14.59 16.48 -4.12
C GLY A 35 -13.63 16.12 -3.01
N TRP A 36 -12.40 16.57 -3.14
CA TRP A 36 -11.36 16.31 -2.13
C TRP A 36 -11.45 17.33 -0.99
N TYR A 37 -11.28 16.86 0.24
CA TYR A 37 -11.20 17.74 1.39
C TYR A 37 -10.10 17.26 2.34
N THR A 38 -9.69 18.16 3.21
CA THR A 38 -8.62 17.87 4.19
C THR A 38 -9.23 17.13 5.39
N GLY A 39 -8.69 15.95 5.68
CA GLY A 39 -9.15 15.14 6.76
C GLY A 39 -8.55 15.55 8.09
N ALA A 40 -9.09 14.93 9.13
CA ALA A 40 -8.75 15.23 10.52
C ALA A 40 -7.35 14.74 10.87
N PHE A 41 -6.84 13.74 10.17
CA PHE A 41 -5.59 13.13 10.58
C PHE A 41 -4.40 14.07 10.32
N ASN A 42 -3.69 14.48 11.37
N ASN A 42 -3.65 14.36 11.39
CA ASN A 42 -2.47 15.28 11.22
CA ASN A 42 -2.56 15.29 11.32
C ASN A 42 -1.52 14.92 12.37
C ASN A 42 -1.52 14.93 12.39
N GLU A 43 -0.50 14.15 12.01
CA GLU A 43 0.47 13.62 12.99
C GLU A 43 1.86 13.63 12.40
N PRO A 44 2.89 13.65 13.25
CA PRO A 44 4.24 13.61 12.74
C PRO A 44 4.61 12.23 12.20
N GLY A 45 5.44 12.22 11.18
CA GLY A 45 6.00 10.97 10.68
C GLY A 45 6.76 11.23 9.40
N ASP A 46 7.85 10.48 9.22
CA ASP A 46 8.72 10.67 8.07
C ASP A 46 8.38 9.68 6.96
N ASN A 47 7.67 8.62 7.34
CA ASN A 47 7.21 7.60 6.42
C ASN A 47 5.80 7.18 6.84
N VAL A 48 4.97 6.80 5.86
CA VAL A 48 3.59 6.42 6.16
C VAL A 48 3.16 5.20 5.31
N SER A 49 2.42 4.30 5.95
CA SER A 49 1.66 3.26 5.29
C SER A 49 0.25 3.21 5.88
N VAL A 50 -0.66 2.55 5.18
CA VAL A 50 -2.04 2.48 5.62
C VAL A 50 -2.68 1.17 5.16
N THR A 51 -3.62 0.70 5.96
CA THR A 51 -4.55 -0.32 5.54
C THR A 51 -5.93 0.01 6.14
N SER A 52 -6.98 -0.56 5.57
CA SER A 52 -8.33 -0.34 6.13
C SER A 52 -9.20 -1.57 5.84
N TRP A 53 -10.27 -1.71 6.63
CA TRP A 53 -11.23 -2.78 6.41
C TRP A 53 -12.61 -2.32 6.88
N LEU A 54 -13.64 -2.91 6.30
CA LEU A 54 -15.01 -2.65 6.69
C LEU A 54 -15.49 -3.74 7.64
N VAL A 55 -16.30 -3.33 8.61
CA VAL A 55 -17.16 -4.24 9.35
C VAL A 55 -18.59 -3.76 9.09
N GLY A 56 -19.29 -4.50 8.22
CA GLY A 56 -20.53 -3.98 7.68
C GLY A 56 -20.26 -2.71 6.88
N SER A 57 -20.86 -1.60 7.29
CA SER A 57 -20.63 -0.33 6.61
C SER A 57 -19.69 0.57 7.42
N ALA A 58 -19.12 0.06 8.51
CA ALA A 58 -18.24 0.86 9.38
C ALA A 58 -16.78 0.66 8.94
N ILE A 59 -16.10 1.76 8.63
CA ILE A 59 -14.68 1.68 8.23
C ILE A 59 -13.78 1.72 9.47
N HIS A 60 -12.68 0.97 9.36
CA HIS A 60 -11.61 0.97 10.29
C HIS A 60 -10.31 1.23 9.52
N ILE A 61 -9.54 2.21 9.96
CA ILE A 61 -8.30 2.59 9.28
C ILE A 61 -7.14 2.43 10.26
N ARG A 62 -6.01 1.92 9.75
CA ARG A 62 -4.78 1.90 10.52
C ARG A 62 -3.68 2.58 9.69
N VAL A 63 -3.11 3.64 10.25
CA VAL A 63 -2.02 4.39 9.65
C VAL A 63 -0.75 4.13 10.45
N TYR A 64 0.32 3.72 9.77
CA TYR A 64 1.60 3.42 10.42
C TYR A 64 2.56 4.56 10.09
N ALA A 65 2.83 5.39 11.11
CA ALA A 65 3.67 6.57 10.97
C ALA A 65 5.03 6.30 11.60
N SER A 66 6.11 6.44 10.83
CA SER A 66 7.44 6.10 11.34
C SER A 66 8.34 7.33 11.38
N THR A 67 8.98 7.51 12.54
CA THR A 67 10.01 8.51 12.76
C THR A 67 11.22 7.79 13.37
N GLY A 68 12.36 7.84 12.71
CA GLY A 68 13.47 6.97 13.09
C GLY A 68 13.07 5.51 13.04
N THR A 69 13.30 4.79 14.13
CA THR A 69 12.96 3.37 14.22
C THR A 69 11.64 3.19 14.99
N THR A 70 10.93 4.26 15.31
CA THR A 70 9.67 4.15 16.04
C THR A 70 8.49 4.29 15.07
N THR A 71 7.71 3.23 15.00
CA THR A 71 6.47 3.24 14.25
C THR A 71 5.31 3.36 15.24
N THR A 72 4.48 4.38 15.02
CA THR A 72 3.27 4.59 15.77
C THR A 72 2.08 4.21 14.89
N GLU A 73 1.23 3.34 15.41
CA GLU A 73 -0.02 2.96 14.77
C GLU A 73 -1.10 3.95 15.21
N TRP A 74 -1.81 4.49 14.23
CA TRP A 74 -2.93 5.35 14.46
C TRP A 74 -4.20 4.67 13.96
N CYS A 75 -5.24 4.73 14.78
CA CYS A 75 -6.44 3.98 14.57
C CYS A 75 -7.65 4.91 14.40
N TRP A 76 -8.38 4.71 13.31
CA TRP A 76 -9.69 5.29 13.17
C TRP A 76 -10.73 4.17 13.25
N ASP A 77 -11.68 4.28 14.18
CA ASP A 77 -12.72 3.27 14.33
C ASP A 77 -14.10 3.91 14.50
N GLY A 78 -14.27 5.08 13.89
CA GLY A 78 -15.55 5.78 13.87
C GLY A 78 -15.61 7.00 14.80
N ASN A 79 -14.64 7.18 15.68
CA ASN A 79 -14.77 8.10 16.83
C ASN A 79 -13.47 8.84 17.13
N GLY A 80 -12.71 9.24 16.13
CA GLY A 80 -11.46 9.93 16.33
C GLY A 80 -10.25 9.02 16.20
N TRP A 81 -9.08 9.63 16.06
CA TRP A 81 -7.84 8.93 15.91
C TRP A 81 -7.22 8.61 17.28
N THR A 82 -6.84 7.36 17.46
CA THR A 82 -6.22 6.91 18.71
C THR A 82 -4.93 6.14 18.44
N GLY A 84 -2.69 3.03 18.58
CA GLY A 84 -2.94 1.60 18.69
C GLY A 84 -1.88 0.87 19.51
N ALA A 85 -2.12 -0.44 19.66
CA ALA A 85 -1.27 -1.33 20.48
C ALA A 85 -0.02 -1.77 19.72
N TYR A 86 0.11 -1.48 18.42
CA TYR A 86 1.27 -1.90 17.66
C TYR A 86 2.57 -1.49 18.34
N THR A 87 3.49 -2.45 18.44
CA THR A 87 4.89 -2.21 18.77
C THR A 87 5.76 -3.03 17.81
N ALA A 88 7.00 -2.57 17.69
CA ALA A 88 8.06 -3.29 17.00
C ALA A 88 9.39 -2.93 17.66
N THR A 89 10.37 -3.82 17.56
CA THR A 89 11.72 -3.53 18.06
C THR A 89 12.65 -3.32 16.86
N ASN A 90 12.63 -2.11 16.32
CA ASN A 90 13.41 -1.74 15.14
C ASN A 90 14.76 -1.16 15.60
N SER B 2 17.77 3.38 -5.69
CA SER B 2 16.94 2.36 -4.99
C SER B 2 15.47 2.55 -5.38
N VAL B 3 14.91 1.54 -6.05
CA VAL B 3 13.57 1.70 -6.53
C VAL B 3 12.62 1.67 -5.34
N GLN B 4 11.42 2.19 -5.58
CA GLN B 4 10.33 2.21 -4.57
C GLN B 4 9.10 1.62 -5.26
N THR B 5 8.39 0.71 -4.59
CA THR B 5 7.25 0.06 -5.24
C THR B 5 5.96 0.26 -4.45
N ALA B 6 4.87 0.03 -5.17
CA ALA B 6 3.52 -0.03 -4.60
C ALA B 6 2.74 -1.14 -5.33
N ALA B 7 1.83 -1.80 -4.63
CA ALA B 7 1.13 -2.94 -5.21
C ALA B 7 -0.35 -2.90 -4.87
N THR B 8 -1.15 -3.44 -5.77
CA THR B 8 -2.58 -3.66 -5.53
C THR B 8 -3.00 -4.97 -6.20
N SER B 9 -4.12 -5.51 -5.76
CA SER B 9 -4.63 -6.77 -6.34
C SER B 9 -6.16 -6.81 -6.24
N TRP B 10 -6.78 -7.60 -7.09
CA TRP B 10 -8.22 -7.77 -7.03
C TRP B 10 -8.64 -9.15 -7.54
N GLY B 11 -9.80 -9.61 -7.10
N GLY B 11 -9.84 -9.51 -7.11
CA GLY B 11 -10.32 -10.92 -7.52
CA GLY B 11 -10.54 -10.68 -7.63
C GLY B 11 -9.58 -12.08 -6.86
C GLY B 11 -10.12 -11.92 -6.89
N THR B 12 -9.78 -13.29 -7.37
N THR B 12 -11.04 -12.89 -6.80
CA THR B 12 -9.25 -14.51 -6.73
CA THR B 12 -10.65 -14.24 -6.35
C THR B 12 -8.20 -15.20 -7.60
C THR B 12 -9.59 -14.82 -7.30
N VAL B 13 -7.99 -14.69 -8.82
N VAL B 13 -9.45 -14.24 -8.50
CA VAL B 13 -6.98 -15.31 -9.69
CA VAL B 13 -8.75 -14.90 -9.60
C VAL B 13 -5.59 -15.18 -9.04
C VAL B 13 -7.26 -15.09 -9.24
N PRO B 14 -5.20 -13.97 -8.60
N PRO B 14 -6.49 -14.02 -8.93
CA PRO B 14 -5.84 -12.66 -8.72
CA PRO B 14 -6.58 -12.59 -9.01
C PRO B 14 -5.25 -11.88 -9.90
C PRO B 14 -5.66 -11.95 -10.07
N SER B 15 -5.73 -10.64 -10.13
CA SER B 15 -4.91 -9.72 -10.88
C SER B 15 -4.05 -8.95 -9.87
N ILE B 16 -2.79 -8.71 -10.22
CA ILE B 16 -1.86 -7.89 -9.42
C ILE B 16 -1.29 -6.80 -10.32
N ARG B 17 -1.11 -5.60 -9.76
CA ARG B 17 -0.37 -4.54 -10.41
C ARG B 17 0.71 -4.05 -9.45
N VAL B 18 1.94 -3.97 -9.95
CA VAL B 18 3.06 -3.49 -9.18
C VAL B 18 3.65 -2.28 -9.90
N TYR B 19 3.72 -1.16 -9.19
CA TYR B 19 4.22 0.11 -9.72
C TYR B 19 5.62 0.32 -9.14
N THR B 20 6.58 0.71 -9.98
CA THR B 20 7.93 0.97 -9.56
C THR B 20 8.38 2.37 -9.95
N ALA B 21 8.78 3.15 -8.96
CA ALA B 21 9.36 4.49 -9.17
C ALA B 21 10.90 4.35 -9.22
N ASN B 22 11.46 4.83 -10.32
CA ASN B 22 12.92 4.82 -10.53
C ASN B 22 13.32 5.97 -11.45
N ASN B 23 14.29 6.77 -11.03
CA ASN B 23 14.88 7.80 -11.89
C ASN B 23 13.78 8.76 -12.36
N GLY B 24 12.76 9.01 -11.54
CA GLY B 24 11.72 9.98 -11.86
C GLY B 24 10.59 9.42 -12.71
N ILE B 26 7.60 6.25 -13.15
CA ILE B 26 6.86 5.12 -12.59
C ILE B 26 6.36 4.26 -13.74
N THR B 27 6.64 2.96 -13.65
CA THR B 27 6.21 1.97 -14.62
C THR B 27 5.45 0.87 -13.88
N GLU B 28 4.83 -0.01 -14.67
CA GLU B 28 3.82 -0.92 -14.16
C GLU B 28 4.07 -2.33 -14.69
N ARG B 29 4.06 -3.30 -13.79
CA ARG B 29 4.11 -4.71 -14.15
C ARG B 29 2.81 -5.37 -13.69
N CYS B 30 2.30 -6.26 -14.52
CA CYS B 30 0.95 -6.78 -14.40
C CYS B 30 0.97 -8.30 -14.40
N TRP B 31 0.10 -8.87 -13.58
CA TRP B 31 -0.15 -10.31 -13.52
CA TRP B 31 -0.15 -10.29 -13.56
C TRP B 31 -1.66 -10.53 -13.56
N ASP B 32 -2.13 -11.36 -14.50
CA ASP B 32 -3.54 -11.73 -14.57
C ASP B 32 -3.66 -13.26 -14.57
N GLY B 33 -2.68 -13.94 -13.99
CA GLY B 33 -2.73 -15.39 -13.79
C GLY B 33 -1.83 -16.16 -14.74
N GLY B 35 1.47 -15.02 -16.32
CA GLY B 35 2.77 -14.43 -16.55
C GLY B 35 2.78 -12.93 -16.32
N TRP B 36 3.93 -12.39 -15.99
CA TRP B 36 4.07 -10.94 -15.79
C TRP B 36 4.30 -10.24 -17.13
N TYR B 37 3.67 -9.09 -17.30
CA TYR B 37 3.85 -8.27 -18.51
C TYR B 37 3.88 -6.80 -18.11
N THR B 38 4.41 -5.99 -19.02
CA THR B 38 4.55 -4.55 -18.80
C THR B 38 3.21 -3.88 -19.15
N GLY B 39 2.69 -3.11 -18.19
CA GLY B 39 1.43 -2.43 -18.35
C GLY B 39 1.57 -1.10 -19.08
N ALA B 40 0.42 -0.52 -19.36
CA ALA B 40 0.29 0.73 -20.11
C ALA B 40 0.73 1.92 -19.25
N PHE B 41 0.70 1.79 -17.93
CA PHE B 41 0.97 2.96 -17.08
C PHE B 41 2.44 3.37 -17.15
N ASN B 42 2.67 4.63 -17.54
CA ASN B 42 4.01 5.17 -17.62
CA ASN B 42 4.04 5.18 -17.60
C ASN B 42 3.94 6.69 -17.35
N GLU B 43 4.23 7.10 -16.12
CA GLU B 43 4.05 8.50 -15.74
C GLU B 43 5.19 8.93 -14.82
N PRO B 44 5.45 10.23 -14.77
CA PRO B 44 6.51 10.73 -13.93
C PRO B 44 6.21 10.61 -12.44
N GLY B 45 7.24 10.32 -11.65
CA GLY B 45 7.14 10.35 -10.22
C GLY B 45 8.39 9.79 -9.56
N ASP B 46 8.69 10.36 -8.38
CA ASP B 46 9.76 9.87 -7.53
C ASP B 46 9.20 8.94 -6.44
N ASN B 47 7.89 9.02 -6.23
CA ASN B 47 7.22 8.26 -5.19
C ASN B 47 5.86 7.80 -5.72
N VAL B 48 5.44 6.59 -5.36
CA VAL B 48 4.18 6.04 -5.82
C VAL B 48 3.43 5.33 -4.69
N SER B 49 2.11 5.56 -4.69
CA SER B 49 1.17 4.71 -3.95
C SER B 49 0.00 4.35 -4.87
N VAL B 50 -0.77 3.35 -4.46
CA VAL B 50 -1.90 2.90 -5.28
C VAL B 50 -3.00 2.34 -4.37
N THR B 51 -4.22 2.49 -4.85
CA THR B 51 -5.36 1.78 -4.32
C THR B 51 -6.28 1.38 -5.48
N SER B 52 -7.09 0.37 -5.26
CA SER B 52 -8.04 -0.07 -6.29
C SER B 52 -9.29 -0.63 -5.63
N TRP B 53 -10.38 -0.65 -6.40
CA TRP B 53 -11.64 -1.22 -5.94
C TRP B 53 -12.42 -1.75 -7.15
N LEU B 54 -13.27 -2.73 -6.88
CA LEU B 54 -14.16 -3.29 -7.89
C LEU B 54 -15.55 -2.67 -7.76
N VAL B 55 -16.16 -2.45 -8.90
CA VAL B 55 -17.61 -2.23 -8.98
C VAL B 55 -18.14 -3.36 -9.86
N GLY B 56 -18.79 -4.34 -9.23
CA GLY B 56 -19.05 -5.59 -9.90
C GLY B 56 -17.74 -6.25 -10.31
N SER B 57 -17.57 -6.46 -11.62
CA SER B 57 -16.34 -7.07 -12.12
C SER B 57 -15.43 -6.00 -12.76
N ALA B 58 -15.79 -4.72 -12.66
CA ALA B 58 -15.01 -3.65 -13.27
C ALA B 58 -14.00 -3.10 -12.25
N ILE B 59 -12.71 -3.11 -12.60
CA ILE B 59 -11.67 -2.57 -11.71
C ILE B 59 -11.51 -1.07 -11.95
N HIS B 60 -11.24 -0.38 -10.85
CA HIS B 60 -10.89 1.00 -10.83
C HIS B 60 -9.59 1.14 -10.04
N ILE B 61 -8.61 1.83 -10.63
CA ILE B 61 -7.29 1.99 -10.00
C ILE B 61 -7.00 3.48 -9.86
N ARG B 62 -6.42 3.85 -8.73
CA ARG B 62 -5.89 5.20 -8.53
C ARG B 62 -4.42 5.10 -8.12
N VAL B 63 -3.55 5.73 -8.92
CA VAL B 63 -2.12 5.78 -8.65
C VAL B 63 -1.76 7.21 -8.27
N TYR B 64 -1.07 7.39 -7.14
CA TYR B 64 -0.65 8.70 -6.66
C TYR B 64 0.85 8.84 -6.91
N ALA B 65 1.21 9.68 -7.86
CA ALA B 65 2.56 9.88 -8.31
C ALA B 65 3.09 11.22 -7.78
N SER B 66 4.18 11.22 -7.01
CA SER B 66 4.67 12.46 -6.40
C SER B 66 6.07 12.79 -6.90
N THR B 67 6.27 14.07 -7.25
CA THR B 67 7.59 14.62 -7.52
C THR B 67 7.70 15.93 -6.74
N GLY B 68 8.75 16.06 -5.92
CA GLY B 68 8.79 17.17 -5.00
C GLY B 68 7.58 17.21 -4.09
N THR B 69 6.87 18.33 -4.06
CA THR B 69 5.68 18.47 -3.23
C THR B 69 4.40 18.27 -4.04
N THR B 70 4.51 17.91 -5.34
CA THR B 70 3.32 17.79 -6.16
C THR B 70 2.94 16.33 -6.40
N THR B 71 1.76 15.97 -5.92
CA THR B 71 1.19 14.66 -6.14
C THR B 71 0.11 14.77 -7.23
N THR B 72 0.26 13.93 -8.26
CA THR B 72 -0.70 13.80 -9.36
C THR B 72 -1.39 12.44 -9.24
N GLU B 73 -2.72 12.43 -9.30
CA GLU B 73 -3.50 11.22 -9.28
C GLU B 73 -3.75 10.76 -10.72
N TRP B 74 -3.57 9.48 -10.94
CA TRP B 74 -3.86 8.83 -12.25
C TRP B 74 -4.98 7.81 -12.04
N CYS B 75 -5.91 7.78 -13.00
CA CYS B 75 -7.14 7.02 -12.86
C CYS B 75 -7.25 6.01 -14.01
N TRP B 76 -7.47 4.76 -13.64
CA TRP B 76 -7.90 3.74 -14.59
C TRP B 76 -9.33 3.38 -14.25
N ASP B 77 -10.25 3.50 -15.22
CA ASP B 77 -11.65 3.13 -15.01
C ASP B 77 -12.17 2.32 -16.19
N GLY B 78 -11.28 1.56 -16.81
CA GLY B 78 -11.64 0.54 -17.80
C GLY B 78 -11.20 0.93 -19.20
N ASN B 79 -10.81 2.18 -19.44
CA ASN B 79 -10.50 2.62 -20.82
C ASN B 79 -9.41 3.69 -20.82
N GLY B 80 -8.27 3.39 -20.23
CA GLY B 80 -7.09 4.24 -20.33
C GLY B 80 -6.82 5.04 -19.07
N TRP B 81 -5.59 5.52 -18.92
CA TRP B 81 -5.18 6.30 -17.74
C TRP B 81 -5.44 7.80 -17.99
N THR B 82 -6.10 8.46 -17.03
CA THR B 82 -6.29 9.91 -17.11
C THR B 82 -5.98 10.56 -15.77
N GLY B 84 -6.61 12.54 -12.50
CA GLY B 84 -7.73 12.73 -11.61
C GLY B 84 -7.76 14.13 -11.00
N ALA B 85 -8.79 14.36 -10.18
CA ALA B 85 -9.05 15.66 -9.56
C ALA B 85 -8.20 15.89 -8.30
N TYR B 86 -7.45 14.89 -7.83
CA TYR B 86 -6.73 15.05 -6.57
C TYR B 86 -5.84 16.29 -6.57
N THR B 87 -5.93 17.06 -5.49
CA THR B 87 -4.98 18.11 -5.16
C THR B 87 -4.63 18.02 -3.66
N ALA B 88 -3.47 18.58 -3.35
CA ALA B 88 -3.00 18.80 -2.00
C ALA B 88 -2.10 20.06 -2.02
N THR B 89 -2.01 20.75 -0.88
CA THR B 89 -1.11 21.92 -0.82
C THR B 89 0.09 21.57 0.06
N ASN B 90 1.06 20.87 -0.52
CA ASN B 90 2.23 20.37 0.20
C ASN B 90 3.36 21.40 0.15
N SER C 2 14.62 7.06 8.71
CA SER C 2 13.45 6.38 9.28
CA SER C 2 13.46 6.36 9.28
C SER C 2 13.26 5.03 8.57
N VAL C 3 12.72 4.10 9.28
CA VAL C 3 12.29 2.84 8.71
C VAL C 3 11.17 3.14 7.71
N GLN C 4 10.89 2.16 6.87
CA GLN C 4 9.83 2.28 5.85
C GLN C 4 8.89 1.08 6.01
N THR C 5 7.57 1.30 6.02
CA THR C 5 6.65 0.21 6.28
C THR C 5 5.66 0.03 5.12
N ALA C 6 5.05 -1.13 5.14
CA ALA C 6 3.91 -1.48 4.28
C ALA C 6 2.94 -2.32 5.10
N ALA C 7 1.65 -2.21 4.85
CA ALA C 7 0.64 -2.87 5.64
C ALA C 7 -0.44 -3.47 4.74
N THR C 8 -1.00 -4.58 5.22
CA THR C 8 -2.15 -5.20 4.60
C THR C 8 -3.03 -5.80 5.70
N SER C 9 -4.30 -6.01 5.37
CA SER C 9 -5.25 -6.56 6.33
C SER C 9 -6.33 -7.36 5.60
N TRP C 10 -6.96 -8.29 6.31
CA TRP C 10 -8.05 -9.07 5.74
C TRP C 10 -9.05 -9.49 6.82
N GLY C 11 -10.25 -9.76 6.34
CA GLY C 11 -11.36 -10.21 7.19
C GLY C 11 -11.88 -9.08 8.06
N THR C 12 -12.66 -9.44 9.09
CA THR C 12 -13.33 -8.45 9.92
C THR C 12 -12.77 -8.46 11.35
N VAL C 13 -11.86 -9.38 11.67
CA VAL C 13 -11.26 -9.40 13.02
C VAL C 13 -10.52 -8.08 13.28
N PRO C 14 -9.63 -7.61 12.41
CA PRO C 14 -9.09 -8.27 11.23
C PRO C 14 -7.75 -8.96 11.54
N SER C 15 -7.17 -9.60 10.54
CA SER C 15 -5.74 -9.87 10.58
C SER C 15 -5.03 -8.69 9.91
N ILE C 16 -3.90 -8.28 10.48
CA ILE C 16 -3.05 -7.22 9.94
C ILE C 16 -1.62 -7.75 9.87
N ARG C 17 -0.91 -7.39 8.79
CA ARG C 17 0.51 -7.63 8.69
C ARG C 17 1.20 -6.31 8.34
N VAL C 18 2.23 -5.98 9.11
CA VAL C 18 3.01 -4.79 8.90
C VAL C 18 4.46 -5.23 8.64
N TYR C 19 4.98 -4.80 7.48
CA TYR C 19 6.34 -5.11 7.06
C TYR C 19 7.19 -3.86 7.26
N THR C 20 8.36 -4.01 7.87
CA THR C 20 9.26 -2.90 8.12
C THR C 20 10.62 -3.18 7.48
N ALA C 21 11.04 -2.26 6.61
CA ALA C 21 12.40 -2.24 6.06
C ALA C 21 13.28 -1.35 6.93
N ASN C 22 14.36 -1.95 7.45
CA ASN C 22 15.24 -1.30 8.41
C ASN C 22 16.66 -1.77 8.12
N ASN C 23 17.54 -0.86 7.68
CA ASN C 23 18.95 -1.18 7.49
C ASN C 23 19.10 -2.40 6.56
N GLY C 24 18.26 -2.49 5.53
CA GLY C 24 18.41 -3.53 4.51
C GLY C 24 17.72 -4.84 4.84
N ILE C 26 13.96 -6.70 5.98
CA ILE C 26 12.51 -6.55 6.17
C ILE C 26 12.03 -7.63 7.13
N THR C 27 11.29 -7.21 8.15
CA THR C 27 10.67 -8.08 9.12
C THR C 27 9.16 -7.78 9.18
N GLU C 28 8.45 -8.62 9.90
CA GLU C 28 7.01 -8.67 9.85
C GLU C 28 6.44 -8.73 11.27
N ARG C 29 5.46 -7.88 11.53
CA ARG C 29 4.67 -7.95 12.76
C ARG C 29 3.22 -8.25 12.38
N CYS C 30 2.58 -9.08 13.20
CA CYS C 30 1.32 -9.68 12.88
C CYS C 30 0.31 -9.45 14.01
N TRP C 31 -0.93 -9.21 13.61
CA TRP C 31 -2.07 -9.12 14.52
C TRP C 31 -3.18 -10.01 13.98
N ASP C 32 -3.70 -10.91 14.82
CA ASP C 32 -4.84 -11.73 14.47
C ASP C 32 -5.94 -11.58 15.50
N GLY C 33 -5.96 -10.44 16.19
CA GLY C 33 -7.06 -10.09 17.10
C GLY C 33 -6.67 -10.21 18.57
N GLY C 35 -3.19 -9.72 20.05
CA GLY C 35 -1.88 -9.21 20.40
C GLY C 35 -0.95 -9.27 19.20
N TRP C 36 0.04 -8.37 19.19
CA TRP C 36 1.03 -8.35 18.12
C TRP C 36 2.12 -9.38 18.36
N TYR C 37 2.55 -10.08 17.30
CA TYR C 37 3.64 -11.02 17.40
C TYR C 37 4.52 -10.92 16.14
N THR C 38 5.73 -11.45 16.25
CA THR C 38 6.69 -11.40 15.15
C THR C 38 6.41 -12.55 14.20
N GLY C 39 6.20 -12.21 12.92
CA GLY C 39 5.89 -13.19 11.91
C GLY C 39 7.13 -13.88 11.35
N ALA C 40 6.86 -14.89 10.53
CA ALA C 40 7.88 -15.72 9.92
C ALA C 40 8.65 -14.98 8.83
N PHE C 41 8.09 -13.90 8.27
CA PHE C 41 8.72 -13.27 7.13
C PHE C 41 10.01 -12.54 7.52
N ASN C 42 11.12 -12.93 6.89
N ASN C 42 11.08 -12.93 6.86
CA ASN C 42 12.40 -12.26 7.09
CA ASN C 42 12.35 -12.30 7.03
C ASN C 42 13.18 -12.32 5.77
C ASN C 42 13.08 -12.36 5.69
N GLU C 43 13.24 -11.21 5.04
CA GLU C 43 13.91 -11.17 3.76
C GLU C 43 14.66 -9.85 3.59
N PRO C 44 15.68 -9.84 2.75
CA PRO C 44 16.42 -8.61 2.55
C PRO C 44 15.63 -7.57 1.74
N GLY C 45 15.82 -6.31 2.06
CA GLY C 45 15.25 -5.23 1.27
C GLY C 45 15.41 -3.88 1.94
N ASP C 46 15.54 -2.85 1.11
CA ASP C 46 15.56 -1.49 1.60
CA ASP C 46 15.57 -1.47 1.57
C ASP C 46 14.20 -0.83 1.39
N ASN C 47 13.33 -1.47 0.61
CA ASN C 47 12.02 -0.95 0.30
C ASN C 47 11.03 -2.12 0.26
N VAL C 48 9.81 -1.89 0.72
CA VAL C 48 8.80 -2.94 0.76
C VAL C 48 7.42 -2.38 0.36
N SER C 49 6.70 -3.19 -0.41
CA SER C 49 5.26 -3.04 -0.60
C SER C 49 4.58 -4.40 -0.43
N VAL C 50 3.26 -4.37 -0.26
CA VAL C 50 2.51 -5.62 -0.04
C VAL C 50 1.08 -5.47 -0.58
N THR C 51 0.57 -6.61 -1.02
CA THR C 51 -0.86 -6.75 -1.30
C THR C 51 -1.30 -8.14 -0.85
N SER C 52 -2.58 -8.32 -0.61
CA SER C 52 -3.10 -9.63 -0.22
C SER C 52 -4.55 -9.77 -0.71
N TRP C 53 -5.00 -11.02 -0.83
CA TRP C 53 -6.38 -11.29 -1.19
C TRP C 53 -6.81 -12.62 -0.56
N LEU C 54 -8.12 -12.75 -0.32
CA LEU C 54 -8.69 -13.97 0.21
C LEU C 54 -9.26 -14.82 -0.92
N VAL C 55 -9.12 -16.13 -0.76
CA VAL C 55 -9.90 -17.10 -1.52
C VAL C 55 -10.68 -17.89 -0.47
N GLY C 56 -11.96 -17.61 -0.35
CA GLY C 56 -12.71 -18.09 0.80
C GLY C 56 -12.11 -17.54 2.08
N SER C 57 -11.65 -18.42 2.96
CA SER C 57 -11.03 -17.99 4.21
C SER C 57 -9.50 -18.13 4.14
N ALA C 58 -8.95 -18.48 2.97
CA ALA C 58 -7.50 -18.68 2.81
C ALA C 58 -6.84 -17.37 2.33
N ILE C 59 -5.86 -16.88 3.08
CA ILE C 59 -5.16 -15.66 2.66
C ILE C 59 -3.99 -15.98 1.72
N HIS C 60 -3.80 -15.08 0.78
CA HIS C 60 -2.66 -15.07 -0.11
C HIS C 60 -1.99 -13.71 -0.01
N ILE C 61 -0.69 -13.70 0.27
CA ILE C 61 0.05 -12.44 0.46
C ILE C 61 1.18 -12.39 -0.56
N ARG C 62 1.41 -11.20 -1.12
CA ARG C 62 2.58 -10.97 -1.96
C ARG C 62 3.34 -9.74 -1.43
N VAL C 63 4.61 -9.95 -1.13
CA VAL C 63 5.49 -8.90 -0.61
C VAL C 63 6.55 -8.60 -1.66
N TYR C 64 6.71 -7.33 -2.01
CA TYR C 64 7.70 -6.91 -3.02
C TYR C 64 8.83 -6.21 -2.29
N ALA C 65 9.97 -6.89 -2.22
CA ALA C 65 11.15 -6.43 -1.50
C ALA C 65 12.19 -5.94 -2.50
N SER C 66 12.64 -4.70 -2.37
CA SER C 66 13.59 -4.13 -3.31
C SER C 66 14.89 -3.78 -2.60
N THR C 67 15.99 -4.16 -3.26
CA THR C 67 17.33 -3.74 -2.90
C THR C 67 17.97 -3.16 -4.16
N GLY C 68 18.41 -1.90 -4.09
CA GLY C 68 18.84 -1.22 -5.30
C GLY C 68 17.75 -1.21 -6.36
N THR C 69 18.05 -1.71 -7.55
CA THR C 69 17.07 -1.74 -8.65
C THR C 69 16.38 -3.10 -8.75
N THR C 70 16.66 -4.04 -7.85
CA THR C 70 16.14 -5.40 -7.98
C THR C 70 14.99 -5.63 -6.99
N THR C 71 13.84 -5.94 -7.54
CA THR C 71 12.66 -6.28 -6.76
C THR C 71 12.44 -7.80 -6.77
N THR C 72 12.33 -8.37 -5.58
CA THR C 72 12.02 -9.78 -5.38
C THR C 72 10.63 -9.94 -4.78
N GLU C 73 9.80 -10.79 -5.37
CA GLU C 73 8.47 -11.07 -4.87
C GLU C 73 8.52 -12.29 -3.94
N TRP C 74 7.87 -12.16 -2.80
CA TRP C 74 7.70 -13.25 -1.84
C TRP C 74 6.22 -13.58 -1.68
N CYS C 75 5.91 -14.88 -1.63
CA CYS C 75 4.53 -15.35 -1.68
C CYS C 75 4.18 -16.18 -0.45
N TRP C 76 3.05 -15.83 0.18
CA TRP C 76 2.45 -16.68 1.19
C TRP C 76 1.15 -17.24 0.62
N ASP C 77 1.01 -18.58 0.56
CA ASP C 77 -0.20 -19.23 0.10
C ASP C 77 -0.57 -20.39 1.04
N GLY C 78 -0.16 -20.27 2.30
CA GLY C 78 -0.58 -21.23 3.34
C GLY C 78 0.52 -22.18 3.78
N ASN C 79 1.67 -22.22 3.10
CA ASN C 79 2.77 -23.16 3.44
C ASN C 79 4.12 -22.46 3.39
N GLY C 80 4.26 -21.40 4.18
CA GLY C 80 5.51 -20.72 4.22
C GLY C 80 5.64 -19.75 3.07
N TRP C 81 6.71 -18.99 3.16
CA TRP C 81 7.05 -17.98 2.18
C TRP C 81 7.88 -18.61 1.06
N THR C 82 7.50 -18.33 -0.17
CA THR C 82 8.17 -18.87 -1.34
C THR C 82 8.51 -17.75 -2.33
N GLY C 84 8.44 -15.75 -5.59
CA GLY C 84 7.49 -15.53 -6.67
C GLY C 84 8.16 -15.37 -8.04
N ALA C 85 7.34 -15.42 -9.07
CA ALA C 85 7.78 -15.35 -10.46
C ALA C 85 8.01 -13.90 -10.92
N TYR C 86 7.66 -12.90 -10.11
CA TYR C 86 7.81 -11.51 -10.54
C TYR C 86 9.22 -11.21 -11.03
N THR C 87 9.28 -10.54 -12.18
CA THR C 87 10.50 -9.90 -12.67
C THR C 87 10.16 -8.50 -13.17
N ALA C 88 11.18 -7.67 -13.21
CA ALA C 88 11.14 -6.35 -13.81
C ALA C 88 12.52 -6.01 -14.38
N THR C 89 12.57 -5.14 -15.38
CA THR C 89 13.82 -4.66 -15.91
C THR C 89 14.02 -3.19 -15.47
N ASN C 90 14.50 -3.01 -14.24
CA ASN C 90 14.69 -1.67 -13.68
C ASN C 90 16.13 -1.19 -13.96
#